data_1WC6
#
_entry.id   1WC6
#
_cell.length_a   51.148
_cell.length_b   73.965
_cell.length_c   266.861
_cell.angle_alpha   90.00
_cell.angle_beta   90.00
_cell.angle_gamma   90.00
#
_symmetry.space_group_name_H-M   'C 2 2 21'
#
loop_
_entity.id
_entity.type
_entity.pdbx_description
1 polymer 'ADENYLATE CYCLASE'
2 non-polymer "ADENOSINE-5'-RP-ALPHA-THIO-TRIPHOSPHATE"
3 non-polymer 'MAGNESIUM ION'
4 water water
#
_entity_poly.entity_id   1
_entity_poly.type   'polypeptide(L)'
_entity_poly.pdbx_seq_one_letter_code
;MGSSHHHHHHSSGLVPRGSHMGDLTLDLRPEPRLITILFSDIVGFTRMSNALQSQGVAELLNEYLGEMTRAVFENQGTVD
KFVGDAIMALYGAPEEMSPSEQVRRAIATARQMLVALEKLNQGWQERGLVGRNEVPPVRFRCGIHQGMAVVGLFGSQERS
DFTAIGPSVNIAARLQEATAPNSIMVSAMVAQYVPDEEIIKREFLELKGIDEPVMTCVINPNMLNQ
;
_entity_poly.pdbx_strand_id   A,B,C
#
loop_
_chem_comp.id
_chem_comp.type
_chem_comp.name
_chem_comp.formula
MG non-polymer 'MAGNESIUM ION' 'Mg 2'
TAT non-polymer ADENOSINE-5'-RP-ALPHA-THIO-TRIPHOSPHATE 'C10 H16 N5 O12 P3 S'
#
# COMPACT_ATOMS: atom_id res chain seq x y z
N LEU A 28 -6.05 -16.58 10.88
CA LEU A 28 -6.06 -15.09 10.82
C LEU A 28 -4.84 -14.42 11.45
N ARG A 29 -3.83 -15.19 11.84
CA ARG A 29 -2.65 -14.58 12.45
C ARG A 29 -1.93 -13.76 11.39
N PRO A 30 -1.49 -12.54 11.76
CA PRO A 30 -0.79 -11.64 10.83
C PRO A 30 0.36 -12.27 10.06
N GLU A 31 0.21 -12.28 8.74
CA GLU A 31 1.22 -12.84 7.85
C GLU A 31 1.30 -11.92 6.64
N PRO A 32 2.50 -11.76 6.05
CA PRO A 32 2.58 -10.89 4.88
C PRO A 32 1.70 -11.54 3.83
N ARG A 33 1.04 -10.72 3.02
CA ARG A 33 0.15 -11.26 2.03
C ARG A 33 -0.07 -10.26 0.92
N LEU A 34 -0.05 -10.73 -0.31
CA LEU A 34 -0.29 -9.84 -1.41
C LEU A 34 -1.78 -9.67 -1.36
N ILE A 35 -2.21 -8.48 -0.99
CA ILE A 35 -3.62 -8.19 -0.90
C ILE A 35 -3.83 -6.86 -1.54
N THR A 36 -5.07 -6.59 -1.91
CA THR A 36 -5.39 -5.32 -2.48
C THR A 36 -6.17 -4.52 -1.45
N ILE A 37 -5.55 -3.43 -1.04
CA ILE A 37 -6.18 -2.57 -0.07
C ILE A 37 -6.92 -1.53 -0.86
N LEU A 38 -8.21 -1.39 -0.58
CA LEU A 38 -9.01 -0.39 -1.21
C LEU A 38 -9.48 0.55 -0.12
N PHE A 39 -9.18 1.83 -0.29
CA PHE A 39 -9.61 2.81 0.67
C PHE A 39 -10.56 3.69 -0.09
N SER A 40 -11.74 3.90 0.47
CA SER A 40 -12.73 4.76 -0.14
C SER A 40 -13.05 5.73 0.97
N ASP A 41 -12.55 6.94 0.84
CA ASP A 41 -12.77 7.96 1.84
C ASP A 41 -13.73 8.94 1.23
N ILE A 42 -14.66 9.45 2.02
CA ILE A 42 -15.61 10.41 1.50
C ILE A 42 -14.89 11.75 1.40
N VAL A 43 -15.04 12.40 0.26
CA VAL A 43 -14.43 13.70 0.05
C VAL A 43 -15.17 14.72 0.91
N GLY A 44 -14.41 15.56 1.61
CA GLY A 44 -15.03 16.57 2.43
C GLY A 44 -16.16 16.02 3.28
N PHE A 45 -15.88 15.03 4.09
CA PHE A 45 -16.93 14.50 4.95
C PHE A 45 -17.03 15.41 6.17
N THR A 46 -15.92 16.07 6.50
CA THR A 46 -15.92 16.99 7.63
C THR A 46 -16.84 18.13 7.24
N ARG A 47 -16.82 18.50 5.97
CA ARG A 47 -17.67 19.56 5.44
C ARG A 47 -19.12 19.11 5.55
N MET A 48 -19.33 18.00 6.24
CA MET A 48 -20.67 17.46 6.44
C MET A 48 -20.85 17.23 7.93
N SER A 49 -19.82 16.68 8.57
CA SER A 49 -19.85 16.44 10.00
C SER A 49 -19.97 17.79 10.71
N ASN A 50 -20.12 18.85 9.92
CA ASN A 50 -20.26 20.21 10.42
C ASN A 50 -21.50 20.82 9.79
N ALA A 51 -21.69 20.53 8.50
CA ALA A 51 -22.84 21.03 7.77
C ALA A 51 -24.10 20.35 8.30
N LEU A 52 -24.43 19.18 7.78
CA LEU A 52 -25.62 18.48 8.24
C LEU A 52 -25.58 18.19 9.74
N GLN A 53 -26.70 17.68 10.26
CA GLN A 53 -26.84 17.37 11.68
C GLN A 53 -26.25 16.01 12.05
N SER A 54 -25.88 15.85 13.31
CA SER A 54 -25.32 14.61 13.79
C SER A 54 -26.06 13.39 13.24
N GLN A 55 -27.36 13.31 13.52
CA GLN A 55 -28.13 12.19 13.02
C GLN A 55 -27.95 12.06 11.52
N GLY A 56 -27.90 13.21 10.84
CA GLY A 56 -27.73 13.20 9.41
C GLY A 56 -26.36 12.67 9.04
N VAL A 57 -25.36 13.07 9.80
CA VAL A 57 -24.00 12.63 9.56
C VAL A 57 -23.92 11.13 9.76
N ALA A 58 -24.58 10.62 10.79
CA ALA A 58 -24.57 9.19 11.07
C ALA A 58 -25.40 8.48 10.03
N GLU A 59 -26.66 8.89 9.92
CA GLU A 59 -27.57 8.29 8.97
C GLU A 59 -26.88 8.20 7.62
N LEU A 60 -26.32 9.32 7.18
CA LEU A 60 -25.65 9.38 5.89
C LEU A 60 -24.43 8.49 5.87
N LEU A 61 -23.55 8.70 6.81
CA LEU A 61 -22.35 7.90 6.89
C LEU A 61 -22.70 6.43 6.86
N ASN A 62 -23.56 6.02 7.78
CA ASN A 62 -23.97 4.63 7.86
C ASN A 62 -24.59 4.15 6.58
N GLU A 63 -25.41 5.00 5.98
CA GLU A 63 -26.06 4.64 4.73
C GLU A 63 -24.96 4.43 3.71
N TYR A 64 -24.08 5.41 3.63
CA TYR A 64 -22.96 5.36 2.73
C TYR A 64 -22.17 4.09 2.98
N LEU A 65 -21.61 3.95 4.18
CA LEU A 65 -20.84 2.77 4.53
C LEU A 65 -21.62 1.50 4.30
N GLY A 66 -22.94 1.59 4.39
CA GLY A 66 -23.75 0.42 4.16
C GLY A 66 -23.59 0.01 2.73
N GLU A 67 -23.76 0.97 1.82
CA GLU A 67 -23.64 0.70 0.40
C GLU A 67 -22.19 0.46 0.01
N MET A 68 -21.26 1.18 0.63
CA MET A 68 -19.85 1.01 0.31
C MET A 68 -19.45 -0.40 0.72
N THR A 69 -19.77 -0.73 1.96
CA THR A 69 -19.49 -2.03 2.52
C THR A 69 -20.14 -3.05 1.59
N ARG A 70 -21.40 -2.80 1.25
CA ARG A 70 -22.14 -3.67 0.37
C ARG A 70 -21.30 -3.85 -0.88
N ALA A 71 -20.77 -2.74 -1.39
CA ALA A 71 -19.95 -2.76 -2.58
C ALA A 71 -18.72 -3.63 -2.39
N VAL A 72 -18.09 -3.58 -1.21
CA VAL A 72 -16.92 -4.41 -1.03
C VAL A 72 -17.33 -5.86 -0.87
N PHE A 73 -18.24 -6.13 0.06
CA PHE A 73 -18.66 -7.50 0.28
C PHE A 73 -19.22 -8.11 -1.00
N GLU A 74 -20.04 -7.36 -1.72
CA GLU A 74 -20.60 -7.84 -2.98
C GLU A 74 -19.49 -8.20 -3.95
N ASN A 75 -18.30 -7.68 -3.69
CA ASN A 75 -17.16 -7.95 -4.53
C ASN A 75 -16.15 -8.76 -3.75
N GLN A 76 -16.67 -9.68 -2.93
CA GLN A 76 -15.85 -10.58 -2.13
C GLN A 76 -14.82 -9.79 -1.32
N GLY A 77 -14.96 -8.48 -1.35
CA GLY A 77 -14.02 -7.66 -0.59
C GLY A 77 -14.19 -7.92 0.89
N THR A 78 -13.25 -7.38 1.66
CA THR A 78 -13.28 -7.55 3.10
C THR A 78 -13.20 -6.16 3.67
N VAL A 79 -14.25 -5.75 4.38
CA VAL A 79 -14.20 -4.43 4.98
C VAL A 79 -13.19 -4.59 6.09
N ASP A 80 -12.02 -4.02 5.90
CA ASP A 80 -10.96 -4.10 6.88
C ASP A 80 -11.43 -3.33 8.08
N LYS A 81 -12.03 -2.19 7.79
CA LYS A 81 -12.53 -1.30 8.83
C LYS A 81 -12.97 -0.03 8.14
N PHE A 82 -13.67 0.82 8.88
CA PHE A 82 -14.09 2.11 8.36
C PHE A 82 -13.24 3.06 9.16
N VAL A 83 -12.59 4.00 8.49
CA VAL A 83 -11.81 4.97 9.21
C VAL A 83 -12.59 6.25 9.00
N GLY A 84 -13.70 6.36 9.74
CA GLY A 84 -14.57 7.51 9.61
C GLY A 84 -15.40 7.29 8.37
N ASP A 85 -15.28 8.22 7.44
CA ASP A 85 -16.01 8.16 6.18
C ASP A 85 -15.24 7.27 5.22
N ALA A 86 -14.08 6.81 5.66
CA ALA A 86 -13.26 5.98 4.83
C ALA A 86 -13.51 4.52 5.07
N ILE A 87 -13.62 3.76 3.98
CA ILE A 87 -13.82 2.34 4.11
C ILE A 87 -12.47 1.77 3.72
N MET A 88 -12.02 0.77 4.45
CA MET A 88 -10.77 0.16 4.08
C MET A 88 -11.16 -1.26 3.77
N ALA A 89 -11.11 -1.59 2.50
CA ALA A 89 -11.46 -2.92 2.07
C ALA A 89 -10.19 -3.68 1.72
N LEU A 90 -10.15 -4.94 2.09
CA LEU A 90 -9.02 -5.77 1.78
C LEU A 90 -9.56 -6.80 0.84
N TYR A 91 -8.74 -7.13 -0.15
CA TYR A 91 -9.07 -8.14 -1.14
C TYR A 91 -7.88 -9.07 -1.10
N GLY A 92 -8.16 -10.35 -0.86
CA GLY A 92 -7.09 -11.33 -0.78
C GLY A 92 -6.82 -11.60 0.68
N ALA A 93 -7.70 -11.09 1.53
CA ALA A 93 -7.58 -11.28 2.96
C ALA A 93 -8.97 -11.05 3.57
N PRO A 94 -9.37 -11.91 4.52
CA PRO A 94 -8.56 -13.03 5.01
C PRO A 94 -8.63 -14.20 4.04
N GLU A 95 -9.67 -14.22 3.21
CA GLU A 95 -9.85 -15.29 2.24
C GLU A 95 -8.94 -15.03 1.06
N GLU A 96 -8.02 -15.95 0.80
CA GLU A 96 -7.10 -15.80 -0.31
C GLU A 96 -7.88 -15.40 -1.55
N MET A 97 -7.24 -14.60 -2.38
CA MET A 97 -7.86 -14.14 -3.60
C MET A 97 -6.74 -13.77 -4.56
N SER A 98 -6.79 -14.34 -5.75
CA SER A 98 -5.78 -14.07 -6.77
C SER A 98 -5.59 -12.58 -6.89
N PRO A 99 -4.33 -12.13 -7.02
CA PRO A 99 -4.00 -10.72 -7.15
C PRO A 99 -4.91 -10.05 -8.16
N SER A 100 -5.15 -10.74 -9.26
CA SER A 100 -6.01 -10.23 -10.32
C SER A 100 -7.43 -10.09 -9.83
N GLU A 101 -7.92 -11.07 -9.07
CA GLU A 101 -9.28 -11.01 -8.57
C GLU A 101 -9.32 -9.88 -7.57
N GLN A 102 -8.35 -9.84 -6.68
CA GLN A 102 -8.28 -8.79 -5.69
C GLN A 102 -8.51 -7.44 -6.34
N VAL A 103 -7.77 -7.19 -7.40
CA VAL A 103 -7.88 -5.92 -8.11
C VAL A 103 -9.20 -5.88 -8.83
N ARG A 104 -9.54 -6.97 -9.49
CA ARG A 104 -10.81 -7.02 -10.20
C ARG A 104 -11.89 -6.58 -9.23
N ARG A 105 -11.93 -7.24 -8.08
CA ARG A 105 -12.90 -6.98 -7.04
C ARG A 105 -12.75 -5.58 -6.47
N ALA A 106 -11.54 -5.21 -6.08
CA ALA A 106 -11.30 -3.90 -5.52
C ALA A 106 -11.78 -2.84 -6.49
N ILE A 107 -11.35 -2.95 -7.73
CA ILE A 107 -11.78 -1.99 -8.73
C ILE A 107 -13.29 -2.07 -8.91
N ALA A 108 -13.83 -3.29 -8.95
CA ALA A 108 -15.27 -3.47 -9.10
C ALA A 108 -15.96 -2.80 -7.93
N THR A 109 -15.38 -2.97 -6.75
CA THR A 109 -15.91 -2.38 -5.54
C THR A 109 -15.86 -0.88 -5.65
N ALA A 110 -14.68 -0.37 -5.92
CA ALA A 110 -14.49 1.06 -6.04
C ALA A 110 -15.56 1.61 -6.96
N ARG A 111 -15.65 1.03 -8.14
CA ARG A 111 -16.62 1.47 -9.12
C ARG A 111 -18.04 1.33 -8.66
N GLN A 112 -18.32 0.19 -8.02
CA GLN A 112 -19.65 -0.07 -7.55
C GLN A 112 -19.95 0.94 -6.46
N MET A 113 -18.94 1.27 -5.67
CA MET A 113 -19.12 2.23 -4.60
C MET A 113 -19.57 3.55 -5.24
N LEU A 114 -18.85 3.96 -6.27
CA LEU A 114 -19.17 5.20 -6.96
C LEU A 114 -20.60 5.11 -7.46
N VAL A 115 -20.96 3.95 -7.98
CA VAL A 115 -22.32 3.78 -8.45
C VAL A 115 -23.25 3.88 -7.25
N ALA A 116 -22.89 3.18 -6.17
CA ALA A 116 -23.67 3.16 -4.95
C ALA A 116 -23.81 4.58 -4.47
N LEU A 117 -22.73 5.34 -4.59
CA LEU A 117 -22.69 6.72 -4.16
C LEU A 117 -23.58 7.55 -5.08
N GLU A 118 -23.61 7.17 -6.35
CA GLU A 118 -24.43 7.87 -7.34
C GLU A 118 -25.85 7.83 -6.82
N LYS A 119 -26.30 6.65 -6.40
CA LYS A 119 -27.65 6.49 -5.89
C LYS A 119 -27.78 7.12 -4.51
N LEU A 120 -26.74 6.93 -3.70
CA LEU A 120 -26.74 7.48 -2.36
C LEU A 120 -26.97 8.97 -2.42
N ASN A 121 -26.21 9.66 -3.26
CA ASN A 121 -26.38 11.10 -3.39
C ASN A 121 -27.75 11.39 -3.98
N GLN A 122 -28.15 10.57 -4.94
CA GLN A 122 -29.46 10.74 -5.57
C GLN A 122 -30.46 10.86 -4.44
N GLY A 123 -30.40 9.90 -3.53
CA GLY A 123 -31.31 9.87 -2.40
C GLY A 123 -31.05 10.94 -1.36
N TRP A 124 -29.78 11.18 -1.04
CA TRP A 124 -29.43 12.18 -0.05
C TRP A 124 -29.77 13.53 -0.59
N GLN A 125 -29.66 13.68 -1.91
CA GLN A 125 -29.96 14.94 -2.56
C GLN A 125 -31.47 15.13 -2.49
N GLU A 126 -32.19 14.13 -2.97
CA GLU A 126 -33.64 14.17 -2.95
C GLU A 126 -34.20 14.16 -1.54
N ARG A 127 -33.33 14.02 -0.55
CA ARG A 127 -33.75 13.99 0.85
C ARG A 127 -33.38 15.26 1.59
N GLY A 128 -32.24 15.84 1.24
CA GLY A 128 -31.80 17.05 1.90
C GLY A 128 -30.55 16.82 2.70
N LEU A 129 -29.93 15.65 2.55
CA LEU A 129 -28.70 15.34 3.26
C LEU A 129 -27.51 15.87 2.46
N VAL A 130 -27.69 15.99 1.14
CA VAL A 130 -26.65 16.53 0.26
C VAL A 130 -27.35 17.41 -0.76
N GLY A 131 -26.58 18.24 -1.46
CA GLY A 131 -27.16 19.13 -2.45
C GLY A 131 -27.01 20.60 -2.11
N VAL A 135 -24.50 21.10 1.24
CA VAL A 135 -23.66 19.92 1.40
C VAL A 135 -23.33 19.30 0.05
N PRO A 136 -22.05 19.26 -0.31
CA PRO A 136 -21.64 18.68 -1.59
C PRO A 136 -22.05 17.23 -1.72
N PRO A 137 -22.60 16.85 -2.87
CA PRO A 137 -23.04 15.47 -3.13
C PRO A 137 -21.92 14.51 -2.76
N VAL A 138 -22.03 13.92 -1.58
CA VAL A 138 -21.02 13.00 -1.09
C VAL A 138 -20.20 12.34 -2.18
N ARG A 139 -18.93 12.67 -2.23
CA ARG A 139 -18.05 12.08 -3.22
C ARG A 139 -17.02 11.31 -2.44
N PHE A 140 -16.41 10.31 -3.06
CA PHE A 140 -15.40 9.59 -2.33
C PHE A 140 -14.19 9.36 -3.19
N ARG A 141 -13.04 9.45 -2.55
CA ARG A 141 -11.78 9.22 -3.20
C ARG A 141 -11.57 7.74 -2.91
N CYS A 142 -11.09 7.01 -3.90
CA CYS A 142 -10.86 5.61 -3.67
C CYS A 142 -9.45 5.27 -4.09
N GLY A 143 -8.71 4.70 -3.16
CA GLY A 143 -7.36 4.31 -3.46
C GLY A 143 -7.32 2.82 -3.38
N ILE A 144 -6.91 2.20 -4.46
CA ILE A 144 -6.80 0.77 -4.46
C ILE A 144 -5.35 0.47 -4.76
N HIS A 145 -4.73 -0.29 -3.88
CA HIS A 145 -3.35 -0.67 -4.09
C HIS A 145 -3.28 -2.15 -3.80
N GLN A 146 -2.37 -2.84 -4.47
CA GLN A 146 -2.18 -4.24 -4.24
C GLN A 146 -0.74 -4.36 -3.90
N GLY A 147 -0.44 -5.13 -2.87
CA GLY A 147 0.96 -5.27 -2.51
C GLY A 147 1.05 -6.08 -1.25
N MET A 148 2.28 -6.34 -0.84
CA MET A 148 2.50 -7.09 0.37
C MET A 148 2.14 -6.29 1.59
N ALA A 149 1.21 -6.83 2.36
CA ALA A 149 0.78 -6.19 3.58
C ALA A 149 0.71 -7.33 4.56
N VAL A 150 1.01 -7.04 5.83
CA VAL A 150 0.92 -8.08 6.83
C VAL A 150 -0.54 -8.07 7.21
N VAL A 151 -1.32 -8.98 6.64
CA VAL A 151 -2.72 -9.01 6.98
C VAL A 151 -2.98 -10.09 7.99
N GLY A 152 -3.92 -9.82 8.87
CA GLY A 152 -4.29 -10.76 9.90
C GLY A 152 -4.83 -9.94 11.04
N LEU A 153 -5.03 -10.59 12.18
CA LEU A 153 -5.53 -9.88 13.34
C LEU A 153 -4.41 -9.08 13.98
N PHE A 154 -4.73 -7.85 14.36
CA PHE A 154 -3.75 -7.00 15.00
C PHE A 154 -4.33 -6.41 16.27
N GLY A 155 -3.45 -6.07 17.20
CA GLY A 155 -3.89 -5.51 18.46
C GLY A 155 -3.65 -6.51 19.58
N SER A 156 -4.25 -6.23 20.73
CA SER A 156 -4.10 -7.11 21.88
C SER A 156 -5.14 -8.21 21.80
N GLN A 157 -4.96 -9.25 22.60
CA GLN A 157 -5.93 -10.33 22.60
C GLN A 157 -7.17 -9.71 23.23
N GLU A 158 -6.95 -8.61 23.95
CA GLU A 158 -8.03 -7.86 24.59
C GLU A 158 -8.83 -7.11 23.52
N ARG A 159 -8.23 -6.97 22.35
CA ARG A 159 -8.88 -6.28 21.24
C ARG A 159 -8.09 -6.43 19.94
N SER A 160 -8.54 -7.32 19.07
CA SER A 160 -7.88 -7.56 17.80
C SER A 160 -8.80 -7.27 16.63
N ASP A 161 -8.23 -6.68 15.59
CA ASP A 161 -9.00 -6.36 14.39
C ASP A 161 -8.22 -6.86 13.20
N PHE A 162 -8.89 -7.62 12.34
CA PHE A 162 -8.22 -8.12 11.15
C PHE A 162 -7.99 -6.95 10.22
N THR A 163 -6.72 -6.69 9.92
CA THR A 163 -6.37 -5.61 9.03
C THR A 163 -5.10 -5.93 8.30
N ALA A 164 -4.70 -5.02 7.43
CA ALA A 164 -3.49 -5.17 6.65
C ALA A 164 -2.58 -4.07 7.13
N ILE A 165 -1.32 -4.41 7.37
CA ILE A 165 -0.35 -3.46 7.83
C ILE A 165 0.81 -3.43 6.86
N GLY A 166 1.39 -2.25 6.64
CA GLY A 166 2.50 -2.15 5.73
C GLY A 166 2.30 -1.05 4.74
N PRO A 167 3.37 -0.61 4.05
CA PRO A 167 3.23 0.46 3.07
C PRO A 167 2.12 0.18 2.07
N SER A 168 1.92 -1.09 1.75
CA SER A 168 0.88 -1.46 0.80
C SER A 168 -0.37 -0.73 1.19
N VAL A 169 -0.75 -0.83 2.46
CA VAL A 169 -1.95 -0.18 2.94
C VAL A 169 -1.79 1.32 2.78
N ASN A 170 -0.70 1.86 3.32
CA ASN A 170 -0.43 3.28 3.23
C ASN A 170 -0.72 3.72 1.80
N ILE A 171 -0.11 3.04 0.83
CA ILE A 171 -0.26 3.37 -0.57
C ILE A 171 -1.73 3.52 -0.92
N ALA A 172 -2.49 2.49 -0.65
CA ALA A 172 -3.90 2.50 -0.96
C ALA A 172 -4.51 3.75 -0.37
N ALA A 173 -4.21 4.00 0.91
CA ALA A 173 -4.74 5.15 1.61
C ALA A 173 -4.29 6.45 0.98
N ARG A 174 -3.00 6.55 0.67
CA ARG A 174 -2.47 7.74 0.06
C ARG A 174 -3.04 7.93 -1.33
N LEU A 175 -3.22 6.83 -2.04
CA LEU A 175 -3.82 6.87 -3.36
C LEU A 175 -5.23 7.43 -3.16
N GLN A 176 -5.93 6.84 -2.20
CA GLN A 176 -7.27 7.27 -1.88
C GLN A 176 -7.32 8.78 -1.67
N GLU A 177 -6.47 9.29 -0.80
CA GLU A 177 -6.46 10.72 -0.53
C GLU A 177 -5.82 11.53 -1.64
N ALA A 178 -5.01 10.87 -2.46
CA ALA A 178 -4.33 11.57 -3.54
C ALA A 178 -5.24 11.77 -4.73
N THR A 179 -6.12 10.81 -4.96
CA THR A 179 -7.01 10.89 -6.10
C THR A 179 -8.14 11.88 -5.91
N ALA A 180 -8.65 12.37 -7.02
CA ALA A 180 -9.74 13.34 -7.01
C ALA A 180 -11.02 12.66 -6.57
N PRO A 181 -12.00 13.44 -6.12
CA PRO A 181 -13.26 12.86 -5.68
C PRO A 181 -13.87 11.97 -6.76
N ASN A 182 -14.61 10.96 -6.31
CA ASN A 182 -15.26 10.03 -7.23
C ASN A 182 -14.29 9.59 -8.30
N SER A 183 -13.06 9.39 -7.87
CA SER A 183 -11.98 8.96 -8.72
C SER A 183 -11.32 7.80 -8.00
N ILE A 184 -11.14 6.69 -8.70
CA ILE A 184 -10.52 5.52 -8.11
C ILE A 184 -9.08 5.51 -8.52
N MET A 185 -8.19 5.79 -7.57
CA MET A 185 -6.78 5.80 -7.89
C MET A 185 -6.15 4.53 -7.40
N VAL A 186 -5.64 3.76 -8.34
CA VAL A 186 -5.02 2.51 -8.01
C VAL A 186 -3.54 2.64 -8.25
N SER A 187 -2.80 1.75 -7.63
CA SER A 187 -1.38 1.72 -7.74
C SER A 187 -1.03 1.04 -9.03
N ALA A 188 0.25 1.15 -9.38
CA ALA A 188 0.76 0.52 -10.56
C ALA A 188 0.37 -0.96 -10.42
N MET A 189 0.64 -1.52 -9.24
CA MET A 189 0.34 -2.92 -8.93
C MET A 189 -1.08 -3.29 -9.31
N VAL A 190 -2.02 -2.41 -8.99
CA VAL A 190 -3.41 -2.65 -9.30
C VAL A 190 -3.71 -2.43 -10.77
N ALA A 191 -3.28 -1.29 -11.28
CA ALA A 191 -3.50 -0.89 -12.67
C ALA A 191 -3.20 -1.98 -13.70
N GLN A 192 -2.14 -2.72 -13.49
CA GLN A 192 -1.77 -3.78 -14.42
C GLN A 192 -2.88 -4.77 -14.66
N TYR A 193 -3.90 -4.77 -13.78
CA TYR A 193 -5.01 -5.68 -13.93
C TYR A 193 -6.15 -5.01 -14.65
N VAL A 194 -6.13 -3.69 -14.65
CA VAL A 194 -7.18 -2.97 -15.32
C VAL A 194 -6.70 -2.62 -16.71
N PRO A 195 -7.51 -2.92 -17.72
CA PRO A 195 -7.12 -2.61 -19.10
C PRO A 195 -6.74 -1.14 -19.21
N ASP A 196 -5.67 -0.86 -19.95
CA ASP A 196 -5.21 0.52 -20.11
C ASP A 196 -6.38 1.45 -20.48
N GLU A 197 -7.34 0.94 -21.23
CA GLU A 197 -8.50 1.71 -21.63
C GLU A 197 -9.24 2.27 -20.42
N GLU A 198 -9.20 1.52 -19.31
CA GLU A 198 -9.86 1.92 -18.08
C GLU A 198 -8.97 2.80 -17.22
N ILE A 199 -7.70 2.88 -17.57
CA ILE A 199 -6.80 3.70 -16.79
C ILE A 199 -6.82 5.11 -17.33
N ILE A 200 -7.68 5.93 -16.73
CA ILE A 200 -7.87 7.32 -17.09
C ILE A 200 -6.56 8.08 -17.19
N LYS A 201 -5.70 7.93 -16.20
CA LYS A 201 -4.42 8.60 -16.26
C LYS A 201 -3.44 8.08 -15.23
N ARG A 202 -2.29 7.64 -15.73
CA ARG A 202 -1.24 7.14 -14.88
C ARG A 202 -0.50 8.37 -14.45
N GLU A 203 0.34 8.23 -13.44
CA GLU A 203 1.12 9.35 -12.95
C GLU A 203 1.70 9.01 -11.60
N PHE A 204 2.97 9.34 -11.42
CA PHE A 204 3.60 9.07 -10.15
C PHE A 204 3.17 10.21 -9.26
N LEU A 205 2.98 9.91 -7.99
CA LEU A 205 2.58 10.93 -7.03
C LEU A 205 3.40 10.78 -5.78
N GLU A 206 3.87 11.91 -5.24
CA GLU A 206 4.63 11.87 -4.01
C GLU A 206 3.59 11.49 -2.96
N LEU A 207 3.56 10.21 -2.58
CA LEU A 207 2.61 9.78 -1.58
C LEU A 207 3.25 9.80 -0.19
N LYS A 208 2.61 10.51 0.72
CA LYS A 208 3.11 10.61 2.07
C LYS A 208 3.51 9.23 2.59
N GLY A 209 4.64 9.17 3.29
CA GLY A 209 5.11 7.92 3.84
C GLY A 209 5.76 6.99 2.84
N ILE A 210 5.76 7.41 1.58
CA ILE A 210 6.35 6.60 0.52
C ILE A 210 7.61 7.25 -0.01
N ASP A 211 8.74 6.75 0.46
CA ASP A 211 10.06 7.25 0.09
C ASP A 211 10.34 7.09 -1.39
N GLU A 212 9.28 7.00 -2.19
CA GLU A 212 9.41 6.84 -3.65
C GLU A 212 8.11 7.22 -4.35
N PRO A 213 8.21 7.91 -5.50
CA PRO A 213 6.99 8.28 -6.22
C PRO A 213 6.22 7.02 -6.63
N VAL A 214 4.99 6.92 -6.15
CA VAL A 214 4.16 5.77 -6.46
C VAL A 214 3.43 5.99 -7.75
N MET A 215 3.48 5.00 -8.64
CA MET A 215 2.78 5.11 -9.92
C MET A 215 1.31 4.90 -9.63
N THR A 216 0.56 5.99 -9.66
CA THR A 216 -0.86 5.93 -9.41
C THR A 216 -1.57 5.95 -10.77
N CYS A 217 -2.66 5.20 -10.86
CA CYS A 217 -3.43 5.16 -12.10
C CYS A 217 -4.88 5.30 -11.73
N VAL A 218 -5.42 6.51 -11.84
CA VAL A 218 -6.83 6.66 -11.52
C VAL A 218 -7.48 5.85 -12.64
N ILE A 219 -8.25 4.84 -12.25
CA ILE A 219 -8.89 4.02 -13.23
C ILE A 219 -10.30 4.49 -13.47
N ASN A 220 -10.84 4.10 -14.61
CA ASN A 220 -12.18 4.48 -15.00
C ASN A 220 -13.13 4.09 -13.89
N PRO A 221 -13.92 5.04 -13.41
CA PRO A 221 -14.88 4.79 -12.34
C PRO A 221 -16.03 3.90 -12.77
N ASN A 222 -16.22 3.77 -14.07
CA ASN A 222 -17.30 2.96 -14.61
C ASN A 222 -16.95 1.50 -14.83
N MET A 223 -16.25 1.24 -15.93
CA MET A 223 -15.85 -0.11 -16.31
C MET A 223 -15.28 0.03 -17.72
N LEU A 224 -14.41 0.92 -17.90
N LEU B 28 19.10 -10.97 0.63
CA LEU B 28 19.54 -12.10 1.49
C LEU B 28 18.43 -13.14 1.64
N ARG B 29 17.89 -13.29 2.86
CA ARG B 29 16.85 -14.28 3.10
C ARG B 29 15.61 -14.02 2.26
N PRO B 30 15.14 -15.04 1.52
CA PRO B 30 13.96 -14.99 0.65
C PRO B 30 12.73 -14.36 1.29
N GLU B 31 12.27 -13.27 0.69
CA GLU B 31 11.10 -12.54 1.16
C GLU B 31 10.33 -12.10 -0.08
N PRO B 32 9.00 -12.02 0.02
CA PRO B 32 8.26 -11.58 -1.16
C PRO B 32 8.69 -10.16 -1.43
N ARG B 33 8.78 -9.79 -2.70
CA ARG B 33 9.24 -8.46 -3.02
C ARG B 33 8.73 -8.06 -4.38
N LEU B 34 8.30 -6.82 -4.51
CA LEU B 34 7.84 -6.38 -5.80
C LEU B 34 9.15 -6.11 -6.49
N ILE B 35 9.45 -6.93 -7.49
CA ILE B 35 10.68 -6.77 -8.24
C ILE B 35 10.32 -6.91 -9.68
N THR B 36 11.22 -6.44 -10.53
CA THR B 36 11.00 -6.56 -11.94
C THR B 36 11.97 -7.60 -12.47
N ILE B 37 11.41 -8.71 -12.93
CA ILE B 37 12.21 -9.76 -13.47
C ILE B 37 12.31 -9.51 -14.96
N LEU B 38 13.53 -9.46 -15.46
CA LEU B 38 13.75 -9.27 -16.88
C LEU B 38 14.45 -10.52 -17.35
N PHE B 39 13.88 -11.15 -18.36
CA PHE B 39 14.49 -12.32 -18.93
C PHE B 39 14.83 -11.93 -20.34
N SER B 40 16.06 -12.17 -20.74
CA SER B 40 16.52 -11.87 -22.07
C SER B 40 17.09 -13.19 -22.51
N ASP B 41 16.36 -13.86 -23.36
CA ASP B 41 16.78 -15.15 -23.85
C ASP B 41 17.20 -14.93 -25.30
N ILE B 42 18.24 -15.61 -25.75
CA ILE B 42 18.65 -15.44 -27.12
C ILE B 42 17.73 -16.29 -27.95
N VAL B 43 17.23 -15.70 -29.03
CA VAL B 43 16.36 -16.40 -29.95
C VAL B 43 17.19 -17.42 -30.70
N GLY B 44 16.66 -18.63 -30.80
CA GLY B 44 17.36 -19.68 -31.50
C GLY B 44 18.84 -19.74 -31.18
N PHE B 45 19.15 -19.93 -29.90
CA PHE B 45 20.53 -20.02 -29.53
C PHE B 45 20.97 -21.45 -29.80
N THR B 46 20.02 -22.37 -29.74
CA THR B 46 20.33 -23.77 -30.01
C THR B 46 20.76 -23.83 -31.47
N ARG B 47 20.12 -23.01 -32.30
CA ARG B 47 20.44 -22.95 -33.73
C ARG B 47 21.85 -22.40 -33.88
N MET B 48 22.54 -22.27 -32.75
CA MET B 48 23.90 -21.78 -32.76
C MET B 48 24.76 -22.79 -32.01
N SER B 49 24.23 -23.28 -30.90
CA SER B 49 24.93 -24.28 -30.11
C SER B 49 25.08 -25.55 -30.96
N ASN B 50 24.66 -25.45 -32.22
CA ASN B 50 24.74 -26.55 -33.16
C ASN B 50 25.45 -26.04 -34.42
N ALA B 51 25.12 -24.81 -34.80
CA ALA B 51 25.71 -24.19 -35.98
C ALA B 51 27.17 -23.89 -35.70
N LEU B 52 27.46 -22.75 -35.07
CA LEU B 52 28.84 -22.41 -34.77
C LEU B 52 29.52 -23.45 -33.88
N GLN B 53 30.83 -23.27 -33.68
CA GLN B 53 31.63 -24.20 -32.88
C GLN B 53 31.53 -23.91 -31.39
N SER B 54 31.80 -24.93 -30.57
CA SER B 54 31.74 -24.80 -29.12
C SER B 54 32.40 -23.50 -28.66
N GLN B 55 33.66 -23.30 -28.98
CA GLN B 55 34.36 -22.09 -28.59
C GLN B 55 33.58 -20.88 -29.05
N GLY B 56 33.03 -20.97 -30.25
CA GLY B 56 32.24 -19.87 -30.79
C GLY B 56 30.98 -19.68 -29.97
N VAL B 57 30.35 -20.78 -29.59
CA VAL B 57 29.13 -20.74 -28.79
C VAL B 57 29.42 -20.09 -27.45
N ALA B 58 30.55 -20.46 -26.84
CA ALA B 58 30.93 -19.92 -25.56
C ALA B 58 31.36 -18.47 -25.74
N GLU B 59 32.34 -18.26 -26.62
CA GLU B 59 32.85 -16.93 -26.90
C GLU B 59 31.69 -15.98 -27.13
N LEU B 60 30.78 -16.39 -28.01
CA LEU B 60 29.62 -15.59 -28.34
C LEU B 60 28.71 -15.43 -27.13
N LEU B 61 28.28 -16.56 -26.58
CA LEU B 61 27.41 -16.52 -25.42
C LEU B 61 28.01 -15.59 -24.37
N ASN B 62 29.24 -15.87 -23.96
CA ASN B 62 29.89 -15.05 -22.94
C ASN B 62 29.99 -13.60 -23.33
N GLU B 63 30.26 -13.36 -24.61
CA GLU B 63 30.38 -11.99 -25.10
C GLU B 63 29.01 -11.36 -24.94
N TYR B 64 28.01 -12.09 -25.42
CA TYR B 64 26.64 -11.66 -25.34
C TYR B 64 26.30 -11.35 -23.88
N LEU B 65 26.35 -12.39 -23.05
CA LEU B 65 26.06 -12.26 -21.63
C LEU B 65 26.88 -11.16 -21.00
N GLY B 66 28.06 -10.94 -21.55
CA GLY B 66 28.90 -9.89 -21.02
C GLY B 66 28.22 -8.56 -21.23
N GLU B 67 27.79 -8.34 -22.46
CA GLU B 67 27.10 -7.10 -22.78
C GLU B 67 25.69 -7.05 -22.22
N MET B 68 25.02 -8.19 -22.16
CA MET B 68 23.69 -8.23 -21.60
C MET B 68 23.79 -7.89 -20.14
N THR B 69 24.69 -8.60 -19.46
CA THR B 69 24.93 -8.42 -18.05
C THR B 69 25.29 -6.96 -17.85
N ARG B 70 26.18 -6.48 -18.70
CA ARG B 70 26.62 -5.10 -18.65
C ARG B 70 25.36 -4.26 -18.66
N ALA B 71 24.48 -4.57 -19.59
CA ALA B 71 23.24 -3.86 -19.75
C ALA B 71 22.39 -3.88 -18.47
N VAL B 72 22.36 -5.01 -17.77
CA VAL B 72 21.55 -5.04 -16.57
C VAL B 72 22.27 -4.28 -15.46
N PHE B 73 23.53 -4.62 -15.20
CA PHE B 73 24.26 -3.92 -14.16
C PHE B 73 24.31 -2.42 -14.41
N GLU B 74 24.56 -2.04 -15.66
CA GLU B 74 24.61 -0.62 -16.02
C GLU B 74 23.28 0.04 -15.71
N ASN B 75 22.26 -0.77 -15.56
CA ASN B 75 20.93 -0.29 -15.25
C ASN B 75 20.54 -0.73 -13.86
N GLN B 76 21.54 -0.74 -12.98
CA GLN B 76 21.35 -1.12 -11.58
C GLN B 76 20.65 -2.48 -11.49
N GLY B 77 20.51 -3.14 -12.63
CA GLY B 77 19.88 -4.43 -12.63
C GLY B 77 20.70 -5.43 -11.85
N THR B 78 20.11 -6.58 -11.58
CA THR B 78 20.79 -7.61 -10.85
C THR B 78 20.70 -8.85 -11.72
N VAL B 79 21.84 -9.36 -12.15
CA VAL B 79 21.81 -10.56 -12.96
C VAL B 79 21.44 -11.63 -11.96
N ASP B 80 20.21 -12.11 -12.06
CA ASP B 80 19.72 -13.13 -11.17
C ASP B 80 20.52 -14.36 -11.46
N LYS B 81 20.71 -14.59 -12.74
CA LYS B 81 21.42 -15.75 -13.23
C LYS B 81 21.28 -15.76 -14.73
N PHE B 82 22.03 -16.64 -15.39
CA PHE B 82 21.93 -16.79 -16.83
C PHE B 82 21.35 -18.17 -16.93
N VAL B 83 20.30 -18.33 -17.73
CA VAL B 83 19.74 -19.65 -17.92
C VAL B 83 20.10 -19.97 -19.37
N GLY B 84 21.37 -20.29 -19.57
CA GLY B 84 21.86 -20.57 -20.90
C GLY B 84 22.11 -19.24 -21.58
N ASP B 85 21.41 -19.04 -22.69
CA ASP B 85 21.51 -17.81 -23.45
C ASP B 85 20.56 -16.79 -22.82
N ALA B 86 19.85 -17.22 -21.80
CA ALA B 86 18.90 -16.34 -21.15
C ALA B 86 19.52 -15.66 -19.95
N ILE B 87 19.30 -14.36 -19.84
CA ILE B 87 19.81 -13.64 -18.69
C ILE B 87 18.57 -13.38 -17.87
N MET B 88 18.67 -13.58 -16.56
CA MET B 88 17.52 -13.28 -15.73
C MET B 88 17.99 -12.15 -14.88
N ALA B 89 17.45 -10.98 -15.12
CA ALA B 89 17.84 -9.82 -14.35
C ALA B 89 16.73 -9.48 -13.39
N LEU B 90 17.11 -9.09 -12.18
CA LEU B 90 16.14 -8.70 -11.19
C LEU B 90 16.37 -7.24 -10.97
N TYR B 91 15.29 -6.51 -10.78
CA TYR B 91 15.36 -5.09 -10.50
C TYR B 91 14.50 -4.94 -9.27
N GLY B 92 15.10 -4.39 -8.22
CA GLY B 92 14.37 -4.23 -6.97
C GLY B 92 14.81 -5.32 -6.02
N ALA B 93 15.87 -6.01 -6.41
CA ALA B 93 16.45 -7.08 -5.61
C ALA B 93 17.88 -7.30 -6.09
N PRO B 94 18.81 -7.48 -5.14
CA PRO B 94 18.52 -7.48 -3.71
C PRO B 94 18.39 -6.04 -3.19
N GLU B 95 18.94 -5.09 -3.95
CA GLU B 95 18.89 -3.70 -3.55
C GLU B 95 17.53 -3.14 -3.89
N GLU B 96 16.78 -2.70 -2.88
CA GLU B 96 15.46 -2.15 -3.13
C GLU B 96 15.53 -1.16 -4.29
N MET B 97 14.44 -1.11 -5.04
CA MET B 97 14.36 -0.22 -6.16
C MET B 97 12.90 0.02 -6.45
N SER B 98 12.53 1.30 -6.50
CA SER B 98 11.16 1.68 -6.76
C SER B 98 10.63 0.92 -7.96
N PRO B 99 9.39 0.44 -7.88
CA PRO B 99 8.75 -0.31 -8.97
C PRO B 99 8.99 0.38 -10.30
N SER B 100 8.88 1.70 -10.28
CA SER B 100 9.08 2.49 -11.48
C SER B 100 10.52 2.43 -11.94
N GLU B 101 11.45 2.48 -11.00
CA GLU B 101 12.85 2.41 -11.38
C GLU B 101 13.12 1.02 -11.89
N GLN B 102 12.61 0.02 -11.19
CA GLN B 102 12.77 -1.37 -11.61
C GLN B 102 12.42 -1.51 -13.07
N VAL B 103 11.25 -1.00 -13.43
CA VAL B 103 10.81 -1.07 -14.79
C VAL B 103 11.67 -0.17 -15.65
N ARG B 104 11.91 1.03 -15.18
CA ARG B 104 12.72 1.96 -15.93
C ARG B 104 14.00 1.24 -16.31
N ARG B 105 14.66 0.71 -15.29
CA ARG B 105 15.93 0.00 -15.44
C ARG B 105 15.77 -1.24 -16.28
N ALA B 106 14.79 -2.07 -15.92
CA ALA B 106 14.57 -3.30 -16.68
C ALA B 106 14.38 -2.96 -18.15
N ILE B 107 13.47 -2.03 -18.43
CA ILE B 107 13.23 -1.64 -19.80
C ILE B 107 14.50 -1.04 -20.39
N ALA B 108 15.18 -0.19 -19.64
CA ALA B 108 16.42 0.41 -20.12
C ALA B 108 17.41 -0.70 -20.46
N THR B 109 17.45 -1.70 -19.58
CA THR B 109 18.33 -2.83 -19.76
C THR B 109 17.95 -3.60 -21.00
N ALA B 110 16.68 -3.96 -21.08
CA ALA B 110 16.20 -4.70 -22.21
C ALA B 110 16.61 -3.95 -23.45
N ARG B 111 16.31 -2.68 -23.49
CA ARG B 111 16.63 -1.89 -24.66
C ARG B 111 18.11 -1.79 -24.91
N GLN B 112 18.86 -1.59 -23.83
CA GLN B 112 20.29 -1.47 -23.94
C GLN B 112 20.85 -2.79 -24.41
N MET B 113 20.22 -3.88 -23.95
CA MET B 113 20.65 -5.20 -24.36
C MET B 113 20.50 -5.31 -25.87
N LEU B 114 19.35 -4.86 -26.38
CA LEU B 114 19.11 -4.91 -27.81
C LEU B 114 20.16 -4.08 -28.50
N VAL B 115 20.47 -2.93 -27.92
CA VAL B 115 21.49 -2.09 -28.51
C VAL B 115 22.81 -2.85 -28.46
N ALA B 116 23.10 -3.40 -27.29
CA ALA B 116 24.33 -4.16 -27.07
C ALA B 116 24.38 -5.28 -28.08
N LEU B 117 23.23 -5.89 -28.30
CA LEU B 117 23.13 -6.99 -29.24
C LEU B 117 23.37 -6.46 -30.65
N GLU B 118 22.92 -5.23 -30.88
CA GLU B 118 23.06 -4.60 -32.20
C GLU B 118 24.55 -4.61 -32.53
N LYS B 119 25.35 -4.16 -31.56
CA LYS B 119 26.79 -4.11 -31.74
C LYS B 119 27.36 -5.52 -31.71
N LEU B 120 26.84 -6.35 -30.82
CA LEU B 120 27.32 -7.72 -30.70
C LEU B 120 27.21 -8.43 -32.03
N ASN B 121 26.04 -8.33 -32.66
CA ASN B 121 25.87 -8.97 -33.95
C ASN B 121 26.74 -8.28 -34.97
N GLN B 122 26.83 -6.96 -34.87
CA GLN B 122 27.67 -6.19 -35.78
C GLN B 122 29.03 -6.86 -35.79
N GLY B 123 29.55 -7.10 -34.59
CA GLY B 123 30.85 -7.72 -34.46
C GLY B 123 30.87 -9.19 -34.80
N TRP B 124 29.86 -9.92 -34.34
CA TRP B 124 29.80 -11.35 -34.62
C TRP B 124 29.59 -11.57 -36.09
N GLN B 125 28.89 -10.64 -36.72
CA GLN B 125 28.63 -10.73 -38.15
C GLN B 125 29.95 -10.46 -38.86
N GLU B 126 30.57 -9.34 -38.52
CA GLU B 126 31.85 -8.96 -39.12
C GLU B 126 32.96 -9.94 -38.72
N ARG B 127 32.64 -10.88 -37.85
CA ARG B 127 33.62 -11.86 -37.40
C ARG B 127 33.37 -13.24 -37.98
N GLY B 128 32.10 -13.58 -38.15
CA GLY B 128 31.77 -14.88 -38.69
C GLY B 128 31.06 -15.75 -37.66
N LEU B 129 30.69 -15.15 -36.53
CA LEU B 129 29.97 -15.89 -35.49
C LEU B 129 28.48 -15.87 -35.80
N VAL B 130 28.04 -14.85 -36.53
CA VAL B 130 26.64 -14.73 -36.94
C VAL B 130 26.64 -14.21 -38.38
N GLY B 131 25.50 -14.32 -39.06
CA GLY B 131 25.40 -13.85 -40.43
C GLY B 131 25.11 -14.95 -41.42
N VAL B 135 24.28 -18.58 -39.43
CA VAL B 135 23.85 -18.31 -38.06
C VAL B 135 23.09 -16.99 -37.99
N PRO B 136 21.81 -17.03 -37.60
CA PRO B 136 21.00 -15.82 -37.50
C PRO B 136 21.59 -14.80 -36.53
N PRO B 137 21.66 -13.52 -36.95
CA PRO B 137 22.21 -12.46 -36.11
C PRO B 137 21.56 -12.54 -34.75
N VAL B 138 22.26 -13.15 -33.80
CA VAL B 138 21.77 -13.30 -32.44
C VAL B 138 20.71 -12.31 -32.05
N ARG B 139 19.51 -12.80 -31.83
CA ARG B 139 18.42 -11.93 -31.42
C ARG B 139 18.01 -12.41 -30.05
N PHE B 140 17.40 -11.54 -29.27
CA PHE B 140 16.97 -11.99 -27.98
C PHE B 140 15.56 -11.52 -27.67
N ARG B 141 14.81 -12.40 -27.04
CA ARG B 141 13.47 -12.11 -26.64
C ARG B 141 13.70 -11.59 -25.23
N CYS B 142 12.97 -10.56 -24.84
CA CYS B 142 13.14 -10.03 -23.51
C CYS B 142 11.80 -9.91 -22.85
N GLY B 143 11.66 -10.57 -21.72
CA GLY B 143 10.41 -10.51 -21.01
C GLY B 143 10.69 -9.78 -19.73
N ILE B 144 10.00 -8.68 -19.51
CA ILE B 144 10.19 -7.92 -18.29
C ILE B 144 8.86 -7.91 -17.62
N HIS B 145 8.82 -8.36 -16.38
CA HIS B 145 7.58 -8.35 -15.63
C HIS B 145 7.95 -7.81 -14.29
N GLN B 146 6.99 -7.16 -13.64
CA GLN B 146 7.20 -6.65 -12.32
C GLN B 146 6.08 -7.24 -11.51
N GLY B 147 6.42 -7.73 -10.33
CA GLY B 147 5.39 -8.31 -9.50
C GLY B 147 6.00 -8.90 -8.27
N MET B 148 5.14 -9.43 -7.41
CA MET B 148 5.61 -10.04 -6.20
C MET B 148 6.32 -11.34 -6.48
N ALA B 149 7.57 -11.41 -6.06
CA ALA B 149 8.35 -12.60 -6.25
C ALA B 149 9.03 -12.75 -4.92
N VAL B 150 9.32 -13.98 -4.52
CA VAL B 150 10.02 -14.19 -3.28
C VAL B 150 11.48 -14.12 -3.71
N VAL B 151 12.11 -12.96 -3.51
CA VAL B 151 13.48 -12.82 -3.90
C VAL B 151 14.35 -12.97 -2.67
N GLY B 152 15.52 -13.56 -2.88
CA GLY B 152 16.43 -13.79 -1.79
C GLY B 152 17.25 -14.98 -2.19
N LEU B 153 18.06 -15.48 -1.27
CA LEU B 153 18.88 -16.63 -1.57
C LEU B 153 18.03 -17.88 -1.50
N PHE B 154 18.22 -18.73 -2.50
CA PHE B 154 17.49 -19.98 -2.54
C PHE B 154 18.45 -21.14 -2.70
N GLY B 155 18.03 -22.31 -2.24
CA GLY B 155 18.88 -23.48 -2.33
C GLY B 155 19.33 -23.90 -0.96
N SER B 156 20.31 -24.80 -0.93
CA SER B 156 20.84 -25.28 0.33
C SER B 156 21.94 -24.33 0.79
N GLN B 157 22.31 -24.43 2.05
CA GLN B 157 23.39 -23.60 2.55
C GLN B 157 24.63 -24.10 1.82
N GLU B 158 24.56 -25.33 1.32
CA GLU B 158 25.64 -25.95 0.56
C GLU B 158 25.72 -25.29 -0.81
N ARG B 159 24.65 -24.57 -1.19
CA ARG B 159 24.60 -23.89 -2.48
C ARG B 159 23.35 -23.02 -2.59
N SER B 160 23.55 -21.72 -2.42
CA SER B 160 22.46 -20.76 -2.50
C SER B 160 22.69 -19.75 -3.62
N ASP B 161 21.62 -19.40 -4.32
CA ASP B 161 21.71 -18.40 -5.37
C ASP B 161 20.60 -17.40 -5.17
N PHE B 162 20.95 -16.12 -5.16
CA PHE B 162 19.96 -15.09 -5.00
C PHE B 162 19.13 -15.05 -6.25
N THR B 163 17.83 -15.28 -6.10
CA THR B 163 16.94 -15.25 -7.23
C THR B 163 15.55 -14.86 -6.77
N ALA B 164 14.65 -14.75 -7.74
CA ALA B 164 13.27 -14.41 -7.48
C ALA B 164 12.47 -15.64 -7.81
N ILE B 165 11.55 -15.99 -6.92
CA ILE B 165 10.70 -17.16 -7.13
C ILE B 165 9.25 -16.71 -7.13
N GLY B 166 8.43 -17.36 -7.93
CA GLY B 166 7.03 -17.01 -7.99
C GLY B 166 6.55 -16.74 -9.40
N PRO B 167 5.23 -16.74 -9.62
CA PRO B 167 4.73 -16.49 -10.97
C PRO B 167 5.32 -15.23 -11.58
N SER B 168 5.61 -14.23 -10.76
CA SER B 168 6.18 -13.00 -11.26
C SER B 168 7.31 -13.34 -12.20
N VAL B 169 8.20 -14.19 -11.72
CA VAL B 169 9.34 -14.61 -12.52
C VAL B 169 8.86 -15.35 -13.76
N ASN B 170 8.00 -16.35 -13.54
CA ASN B 170 7.46 -17.14 -14.63
C ASN B 170 6.98 -16.17 -15.71
N ILE B 171 6.16 -15.21 -15.31
CA ILE B 171 5.62 -14.22 -16.24
C ILE B 171 6.71 -13.60 -17.08
N ALA B 172 7.73 -13.06 -16.42
CA ALA B 172 8.81 -12.42 -17.12
C ALA B 172 9.38 -13.40 -18.14
N ALA B 173 9.61 -14.63 -17.69
CA ALA B 173 10.17 -15.67 -18.53
C ALA B 173 9.24 -15.97 -19.68
N ARG B 174 7.97 -16.17 -19.37
CA ARG B 174 7.00 -16.48 -20.40
C ARG B 174 6.88 -15.32 -21.37
N LEU B 175 6.95 -14.10 -20.84
CA LEU B 175 6.88 -12.91 -21.68
C LEU B 175 8.09 -12.99 -22.59
N GLN B 176 9.23 -13.25 -21.98
CA GLN B 176 10.47 -13.34 -22.73
C GLN B 176 10.31 -14.31 -23.90
N GLU B 177 9.85 -15.52 -23.62
CA GLU B 177 9.68 -16.51 -24.66
C GLU B 177 8.47 -16.25 -25.53
N ALA B 178 7.53 -15.47 -25.02
CA ALA B 178 6.32 -15.17 -25.77
C ALA B 178 6.58 -14.07 -26.80
N THR B 179 7.45 -13.13 -26.46
CA THR B 179 7.71 -12.03 -27.34
C THR B 179 8.59 -12.41 -28.53
N ALA B 180 8.45 -11.64 -29.59
CA ALA B 180 9.21 -11.87 -30.81
C ALA B 180 10.66 -11.51 -30.58
N PRO B 181 11.57 -12.03 -31.41
CA PRO B 181 12.99 -11.72 -31.26
C PRO B 181 13.22 -10.22 -31.20
N ASN B 182 14.27 -9.81 -30.49
CA ASN B 182 14.61 -8.40 -30.35
C ASN B 182 13.39 -7.57 -30.06
N SER B 183 12.52 -8.15 -29.24
CA SER B 183 11.28 -7.55 -28.81
C SER B 183 11.25 -7.65 -27.31
N ILE B 184 10.99 -6.54 -26.64
CA ILE B 184 10.93 -6.56 -25.20
C ILE B 184 9.47 -6.65 -24.82
N MET B 185 9.07 -7.79 -24.29
CA MET B 185 7.69 -7.94 -23.88
C MET B 185 7.62 -7.80 -22.39
N VAL B 186 6.89 -6.77 -21.96
CA VAL B 186 6.73 -6.53 -20.55
C VAL B 186 5.31 -6.82 -20.17
N SER B 187 5.10 -7.01 -18.88
CA SER B 187 3.80 -7.31 -18.35
C SER B 187 3.04 -6.02 -18.22
N ALA B 188 1.76 -6.15 -17.94
CA ALA B 188 0.93 -4.99 -17.73
C ALA B 188 1.61 -4.20 -16.62
N MET B 189 2.01 -4.92 -15.57
CA MET B 189 2.68 -4.33 -14.42
C MET B 189 3.82 -3.42 -14.84
N VAL B 190 4.62 -3.89 -15.77
CA VAL B 190 5.76 -3.14 -16.24
C VAL B 190 5.34 -2.02 -17.17
N ALA B 191 4.50 -2.35 -18.13
CA ALA B 191 4.01 -1.40 -19.12
C ALA B 191 3.53 -0.06 -18.56
N GLN B 192 2.82 -0.12 -17.45
CA GLN B 192 2.29 1.09 -16.85
C GLN B 192 3.38 2.12 -16.59
N TYR B 193 4.63 1.69 -16.57
CA TYR B 193 5.72 2.62 -16.32
C TYR B 193 6.30 3.13 -17.62
N VAL B 194 5.99 2.45 -18.70
CA VAL B 194 6.49 2.86 -19.99
C VAL B 194 5.39 3.63 -20.69
N PRO B 195 5.73 4.83 -21.19
CA PRO B 195 4.72 5.63 -21.87
C PRO B 195 4.06 4.81 -22.96
N ASP B 196 2.74 4.96 -23.10
CA ASP B 196 2.00 4.22 -24.11
C ASP B 196 2.68 4.32 -25.46
N GLU B 197 3.32 5.46 -25.73
CA GLU B 197 4.02 5.68 -26.99
C GLU B 197 5.09 4.63 -27.22
N GLU B 198 5.66 4.13 -26.14
CA GLU B 198 6.71 3.12 -26.22
C GLU B 198 6.12 1.72 -26.22
N ILE B 199 4.84 1.61 -25.93
CA ILE B 199 4.23 0.29 -25.92
C ILE B 199 3.74 -0.04 -27.31
N ILE B 200 4.61 -0.72 -28.05
CA ILE B 200 4.33 -1.14 -29.42
C ILE B 200 2.99 -1.82 -29.56
N LYS B 201 2.69 -2.76 -28.68
CA LYS B 201 1.41 -3.44 -28.76
C LYS B 201 1.09 -4.24 -27.52
N ARG B 202 -0.04 -3.92 -26.93
CA ARG B 202 -0.49 -4.63 -25.75
C ARG B 202 -1.20 -5.84 -26.29
N GLU B 203 -1.49 -6.79 -25.42
CA GLU B 203 -2.17 -8.00 -25.83
C GLU B 203 -2.02 -9.04 -24.74
N PHE B 204 -3.11 -9.73 -24.43
CA PHE B 204 -3.03 -10.76 -23.42
C PHE B 204 -2.51 -11.96 -24.15
N LEU B 205 -1.73 -12.76 -23.43
CA LEU B 205 -1.16 -13.96 -24.02
C LEU B 205 -1.30 -15.10 -23.05
N GLU B 206 -1.69 -16.26 -23.57
CA GLU B 206 -1.82 -17.43 -22.72
C GLU B 206 -0.38 -17.78 -22.38
N LEU B 207 0.07 -17.38 -21.19
CA LEU B 207 1.43 -17.67 -20.78
C LEU B 207 1.46 -18.95 -19.97
N LYS B 208 2.29 -19.89 -20.42
CA LYS B 208 2.43 -21.16 -19.73
C LYS B 208 2.57 -20.94 -18.23
N GLY B 209 1.88 -21.77 -17.46
CA GLY B 209 1.95 -21.67 -16.01
C GLY B 209 1.12 -20.56 -15.43
N ILE B 210 0.50 -19.76 -16.28
CA ILE B 210 -0.31 -18.65 -15.83
C ILE B 210 -1.79 -18.94 -16.09
N ASP B 211 -2.47 -19.36 -15.03
CA ASP B 211 -3.89 -19.69 -15.10
C ASP B 211 -4.76 -18.50 -15.49
N GLU B 212 -4.15 -17.49 -16.13
CA GLU B 212 -4.87 -16.28 -16.57
C GLU B 212 -4.14 -15.56 -17.68
N PRO B 213 -4.87 -15.04 -18.69
CA PRO B 213 -4.17 -14.35 -19.77
C PRO B 213 -3.42 -13.15 -19.21
N VAL B 214 -2.12 -13.13 -19.41
CA VAL B 214 -1.30 -12.03 -18.93
C VAL B 214 -1.27 -10.93 -19.96
N MET B 215 -1.49 -9.70 -19.50
CA MET B 215 -1.46 -8.57 -20.41
C MET B 215 -0.02 -8.27 -20.70
N THR B 216 0.41 -8.64 -21.90
CA THR B 216 1.79 -8.39 -22.32
C THR B 216 1.82 -7.13 -23.17
N CYS B 217 2.89 -6.36 -23.04
CA CYS B 217 3.04 -5.16 -23.83
C CYS B 217 4.45 -5.14 -24.35
N VAL B 218 4.64 -5.53 -25.60
CA VAL B 218 5.98 -5.49 -26.12
C VAL B 218 6.21 -3.99 -26.18
N ILE B 219 7.25 -3.53 -25.50
CA ILE B 219 7.55 -2.12 -25.48
C ILE B 219 8.59 -1.80 -26.53
N ASN B 220 8.65 -0.53 -26.90
CA ASN B 220 9.58 -0.08 -27.90
C ASN B 220 10.98 -0.48 -27.48
N PRO B 221 11.68 -1.22 -28.34
CA PRO B 221 13.03 -1.66 -28.04
C PRO B 221 14.00 -0.48 -28.03
N ASN B 222 13.49 0.69 -28.41
CA ASN B 222 14.28 1.91 -28.40
C ASN B 222 14.02 2.66 -27.10
N MET B 223 12.85 3.02 -26.85
N LEU C 28 -23.55 1.52 20.91
CA LEU C 28 -24.99 1.69 20.54
C LEU C 28 -25.16 2.51 19.27
N ARG C 29 -26.40 2.91 19.01
CA ARG C 29 -26.74 3.71 17.83
C ARG C 29 -26.03 5.06 17.91
N PRO C 30 -25.42 5.50 16.80
CA PRO C 30 -24.68 6.77 16.65
C PRO C 30 -25.42 8.01 17.11
N GLU C 31 -24.84 8.70 18.08
CA GLU C 31 -25.41 9.91 18.64
C GLU C 31 -24.26 10.86 18.89
N PRO C 32 -24.48 12.17 18.75
CA PRO C 32 -23.39 13.10 19.00
C PRO C 32 -23.02 12.91 20.47
N ARG C 33 -21.74 13.04 20.78
CA ARG C 33 -21.33 12.83 22.15
C ARG C 33 -20.03 13.55 22.39
N LEU C 34 -19.92 14.19 23.54
CA LEU C 34 -18.67 14.85 23.86
C LEU C 34 -17.83 13.70 24.31
N ILE C 35 -16.84 13.37 23.50
CA ILE C 35 -15.96 12.28 23.80
C ILE C 35 -14.56 12.76 23.54
N THR C 36 -13.60 12.04 24.09
CA THR C 36 -12.22 12.38 23.88
C THR C 36 -11.62 11.32 22.98
N ILE C 37 -11.26 11.76 21.78
CA ILE C 37 -10.66 10.87 20.82
C ILE C 37 -9.18 10.96 21.01
N LEU C 38 -8.54 9.83 21.20
CA LEU C 38 -7.11 9.78 21.36
C LEU C 38 -6.60 8.97 20.22
N PHE C 39 -5.68 9.52 19.47
CA PHE C 39 -5.08 8.80 18.37
C PHE C 39 -3.64 8.69 18.75
N SER C 40 -3.11 7.48 18.68
CA SER C 40 -1.71 7.23 18.98
C SER C 40 -1.25 6.51 17.74
N ASP C 41 -0.50 7.22 16.91
CA ASP C 41 0.00 6.65 15.68
C ASP C 41 1.47 6.44 15.90
N ILE C 42 2.02 5.35 15.36
CA ILE C 42 3.44 5.11 15.52
C ILE C 42 4.16 5.95 14.48
N VAL C 43 5.17 6.67 14.94
CA VAL C 43 5.97 7.51 14.07
C VAL C 43 6.79 6.61 13.16
N GLY C 44 6.80 6.95 11.87
CA GLY C 44 7.54 6.17 10.90
C GLY C 44 7.35 4.68 11.09
N PHE C 45 6.11 4.22 11.01
CA PHE C 45 5.89 2.80 11.15
C PHE C 45 6.16 2.16 9.79
N THR C 46 5.98 2.94 8.74
CA THR C 46 6.24 2.45 7.39
C THR C 46 7.72 2.19 7.33
N ARG C 47 8.51 3.03 8.01
CA ARG C 47 9.96 2.89 8.05
C ARG C 47 10.29 1.61 8.81
N MET C 48 9.26 0.82 9.09
CA MET C 48 9.42 -0.45 9.78
C MET C 48 8.75 -1.51 8.95
N SER C 49 7.56 -1.19 8.45
CA SER C 49 6.83 -2.13 7.60
C SER C 49 7.65 -2.40 6.32
N ASN C 50 8.86 -1.83 6.29
CA ASN C 50 9.77 -1.99 5.17
C ASN C 50 11.11 -2.46 5.74
N ALA C 51 11.48 -1.90 6.88
CA ALA C 51 12.74 -2.24 7.53
C ALA C 51 12.64 -3.66 8.06
N LEU C 52 12.10 -3.84 9.25
CA LEU C 52 11.97 -5.17 9.83
C LEU C 52 11.12 -6.09 8.95
N GLN C 53 11.09 -7.37 9.32
CA GLN C 53 10.35 -8.40 8.58
C GLN C 53 8.88 -8.41 8.92
N SER C 54 8.07 -8.93 8.00
CA SER C 54 6.62 -9.01 8.18
C SER C 54 6.27 -9.49 9.60
N GLN C 55 6.75 -10.67 9.96
CA GLN C 55 6.47 -11.20 11.30
C GLN C 55 6.89 -10.18 12.35
N GLY C 56 8.03 -9.53 12.11
CA GLY C 56 8.52 -8.53 13.04
C GLY C 56 7.55 -7.36 13.08
N VAL C 57 7.06 -6.95 11.91
CA VAL C 57 6.11 -5.85 11.82
C VAL C 57 4.83 -6.17 12.56
N ALA C 58 4.36 -7.40 12.39
CA ALA C 58 3.13 -7.84 13.07
C ALA C 58 3.42 -8.01 14.55
N GLU C 59 4.39 -8.85 14.85
CA GLU C 59 4.78 -9.11 16.23
C GLU C 59 4.90 -7.78 16.97
N LEU C 60 5.67 -6.86 16.37
CA LEU C 60 5.89 -5.56 16.96
C LEU C 60 4.60 -4.76 17.05
N LEU C 61 3.94 -4.61 15.91
CA LEU C 61 2.69 -3.86 15.88
C LEU C 61 1.74 -4.39 16.94
N ASN C 62 1.48 -5.70 16.90
CA ASN C 62 0.57 -6.31 17.85
C ASN C 62 1.03 -6.14 19.28
N GLU C 63 2.34 -6.25 19.50
CA GLU C 63 2.87 -6.09 20.83
C GLU C 63 2.58 -4.66 21.23
N TYR C 64 2.93 -3.75 20.33
CA TYR C 64 2.71 -2.34 20.55
C TYR C 64 1.23 -2.11 20.87
N LEU C 65 0.37 -2.40 19.89
CA LEU C 65 -1.06 -2.24 20.06
C LEU C 65 -1.55 -2.93 21.32
N GLY C 66 -0.88 -4.01 21.69
CA GLY C 66 -1.29 -4.72 22.88
C GLY C 66 -1.11 -3.83 24.07
N GLU C 67 0.06 -3.22 24.16
CA GLU C 67 0.34 -2.33 25.26
C GLU C 67 -0.40 -1.01 25.12
N MET C 68 -0.56 -0.54 23.88
CA MET C 68 -1.26 0.71 23.66
C MET C 68 -2.70 0.50 24.08
N THR C 69 -3.28 -0.57 23.54
CA THR C 69 -4.63 -0.94 23.85
C THR C 69 -4.74 -1.05 25.36
N ARG C 70 -3.79 -1.78 25.94
CA ARG C 70 -3.74 -1.98 27.37
C ARG C 70 -3.83 -0.61 28.00
N ALA C 71 -3.01 0.29 27.49
CA ALA C 71 -2.98 1.65 27.99
C ALA C 71 -4.34 2.32 27.92
N VAL C 72 -5.08 2.10 26.83
CA VAL C 72 -6.37 2.74 26.75
C VAL C 72 -7.37 2.05 27.68
N PHE C 73 -7.49 0.74 27.55
CA PHE C 73 -8.42 0.02 28.39
C PHE C 73 -8.10 0.24 29.86
N GLU C 74 -6.82 0.18 30.22
CA GLU C 74 -6.42 0.39 31.59
C GLU C 74 -6.86 1.77 32.07
N ASN C 75 -7.16 2.64 31.10
CA ASN C 75 -7.59 3.98 31.42
C ASN C 75 -9.03 4.15 31.00
N GLN C 76 -9.80 3.07 31.19
CA GLN C 76 -11.22 3.06 30.86
C GLN C 76 -11.43 3.52 29.42
N GLY C 77 -10.35 3.68 28.69
CA GLY C 77 -10.48 4.11 27.31
C GLY C 77 -11.20 3.05 26.49
N THR C 78 -11.55 3.42 25.28
CA THR C 78 -12.24 2.51 24.39
C THR C 78 -11.42 2.48 23.12
N VAL C 79 -10.88 1.32 22.79
CA VAL C 79 -10.13 1.26 21.55
C VAL C 79 -11.20 1.36 20.50
N ASP C 80 -11.26 2.50 19.84
CA ASP C 80 -12.23 2.71 18.77
C ASP C 80 -11.87 1.75 17.66
N LYS C 81 -10.57 1.68 17.40
CA LYS C 81 -10.05 0.84 16.34
C LYS C 81 -8.57 1.16 16.23
N PHE C 82 -7.87 0.35 15.46
CA PHE C 82 -6.45 0.57 15.21
C PHE C 82 -6.46 0.93 13.76
N VAL C 83 -5.78 2.00 13.39
CA VAL C 83 -5.71 2.37 11.99
C VAL C 83 -4.26 2.12 11.65
N GLY C 84 -3.92 0.84 11.55
CA GLY C 84 -2.56 0.46 11.27
C GLY C 84 -1.80 0.53 12.56
N ASP C 85 -0.78 1.37 12.60
CA ASP C 85 0.04 1.54 13.80
C ASP C 85 -0.65 2.55 14.71
N ALA C 86 -1.76 3.10 14.23
CA ALA C 86 -2.48 4.08 14.98
C ALA C 86 -3.59 3.45 15.80
N ILE C 87 -3.68 3.87 17.05
CA ILE C 87 -4.74 3.37 17.90
C ILE C 87 -5.69 4.54 18.01
N MET C 88 -6.98 4.27 17.91
CA MET C 88 -7.93 5.34 18.08
C MET C 88 -8.70 4.96 19.29
N ALA C 89 -8.50 5.71 20.35
CA ALA C 89 -9.17 5.43 21.59
C ALA C 89 -10.24 6.46 21.82
N LEU C 90 -11.37 6.02 22.32
CA LEU C 90 -12.45 6.93 22.59
C LEU C 90 -12.60 6.91 24.07
N TYR C 91 -12.90 8.07 24.64
CA TYR C 91 -13.11 8.21 26.05
C TYR C 91 -14.42 8.93 26.15
N GLY C 92 -15.37 8.30 26.83
CA GLY C 92 -16.68 8.90 26.97
C GLY C 92 -17.62 8.20 26.00
N ALA C 93 -17.13 7.10 25.46
CA ALA C 93 -17.90 6.29 24.53
C ALA C 93 -17.26 4.90 24.52
N PRO C 94 -18.10 3.86 24.53
CA PRO C 94 -19.56 3.98 24.55
C PRO C 94 -20.04 4.26 25.97
N GLU C 95 -19.21 3.95 26.96
CA GLU C 95 -19.57 4.19 28.35
C GLU C 95 -19.36 5.66 28.67
N GLU C 96 -20.42 6.34 29.03
CA GLU C 96 -20.32 7.76 29.37
C GLU C 96 -19.14 7.95 30.30
N MET C 97 -18.51 9.11 30.16
CA MET C 97 -17.38 9.46 30.97
C MET C 97 -17.26 10.96 30.96
N SER C 98 -17.21 11.55 32.15
CA SER C 98 -17.09 12.99 32.29
C SER C 98 -15.98 13.50 31.40
N PRO C 99 -16.21 14.63 30.73
CA PRO C 99 -15.24 15.25 29.84
C PRO C 99 -13.86 15.26 30.50
N SER C 100 -13.85 15.60 31.78
CA SER C 100 -12.61 15.65 32.54
C SER C 100 -11.98 14.26 32.67
N GLU C 101 -12.81 13.26 32.92
CA GLU C 101 -12.29 11.92 33.05
C GLU C 101 -11.78 11.50 31.70
N GLN C 102 -12.58 11.76 30.67
CA GLN C 102 -12.19 11.43 29.31
C GLN C 102 -10.77 11.90 29.05
N VAL C 103 -10.53 13.18 29.34
CA VAL C 103 -9.23 13.74 29.13
C VAL C 103 -8.24 13.15 30.10
N ARG C 104 -8.65 13.07 31.35
CA ARG C 104 -7.80 12.50 32.36
C ARG C 104 -7.30 11.15 31.84
N ARG C 105 -8.26 10.31 31.45
CA ARG C 105 -7.99 8.99 30.95
C ARG C 105 -7.20 9.04 29.66
N ALA C 106 -7.67 9.82 28.71
CA ALA C 106 -7.00 9.92 27.42
C ALA C 106 -5.56 10.31 27.65
N ILE C 107 -5.35 11.38 28.40
CA ILE C 107 -3.99 11.82 28.68
C ILE C 107 -3.25 10.71 29.41
N ALA C 108 -3.87 10.14 30.42
CA ALA C 108 -3.25 9.06 31.18
C ALA C 108 -2.84 7.96 30.22
N THR C 109 -3.74 7.65 29.28
CA THR C 109 -3.51 6.61 28.29
C THR C 109 -2.34 7.00 27.42
N ALA C 110 -2.43 8.20 26.84
CA ALA C 110 -1.38 8.69 25.97
C ALA C 110 -0.06 8.54 26.69
N ARG C 111 0.01 9.05 27.90
CA ARG C 111 1.22 8.97 28.68
C ARG C 111 1.62 7.57 29.00
N GLN C 112 0.65 6.74 29.35
CA GLN C 112 0.92 5.36 29.70
C GLN C 112 1.42 4.66 28.47
N MET C 113 0.87 5.05 27.32
CA MET C 113 1.27 4.46 26.05
C MET C 113 2.74 4.76 25.85
N LEU C 114 3.12 6.02 26.05
CA LEU C 114 4.52 6.40 25.93
C LEU C 114 5.35 5.57 26.89
N VAL C 115 4.85 5.39 28.10
CA VAL C 115 5.58 4.59 29.07
C VAL C 115 5.63 3.16 28.53
N ALA C 116 4.48 2.68 28.07
CA ALA C 116 4.38 1.33 27.53
C ALA C 116 5.37 1.20 26.38
N LEU C 117 5.44 2.24 25.57
CA LEU C 117 6.33 2.26 24.43
C LEU C 117 7.78 2.29 24.93
N GLU C 118 8.00 2.97 26.05
CA GLU C 118 9.32 3.06 26.64
C GLU C 118 9.80 1.63 26.84
N LYS C 119 8.95 0.81 27.45
CA LYS C 119 9.31 -0.59 27.71
C LYS C 119 9.30 -1.38 26.41
N LEU C 120 8.34 -1.09 25.56
CA LEU C 120 8.24 -1.80 24.29
C LEU C 120 9.52 -1.66 23.50
N ASN C 121 10.02 -0.43 23.38
CA ASN C 121 11.26 -0.21 22.66
C ASN C 121 12.39 -0.86 23.43
N GLN C 122 12.35 -0.75 24.75
CA GLN C 122 13.36 -1.34 25.60
C GLN C 122 13.51 -2.80 25.13
N GLY C 123 12.37 -3.47 25.04
CA GLY C 123 12.34 -4.86 24.63
C GLY C 123 12.65 -5.07 23.16
N TRP C 124 12.04 -4.25 22.31
CA TRP C 124 12.27 -4.38 20.88
C TRP C 124 13.72 -4.06 20.56
N GLN C 125 14.29 -3.13 21.34
CA GLN C 125 15.67 -2.74 21.15
C GLN C 125 16.54 -3.91 21.57
N GLU C 126 16.30 -4.40 22.79
CA GLU C 126 17.05 -5.51 23.34
C GLU C 126 16.77 -6.82 22.57
N ARG C 127 15.84 -6.75 21.63
CA ARG C 127 15.47 -7.93 20.83
C ARG C 127 15.98 -7.83 19.41
N GLY C 128 16.00 -6.61 18.88
CA GLY C 128 16.46 -6.42 17.52
C GLY C 128 15.33 -5.97 16.60
N LEU C 129 14.18 -5.65 17.17
CA LEU C 129 13.03 -5.19 16.37
C LEU C 129 13.16 -3.68 16.15
N VAL C 130 13.87 -3.01 17.05
CA VAL C 130 14.13 -1.56 16.94
C VAL C 130 15.57 -1.32 17.39
N GLY C 131 16.10 -0.14 17.08
CA GLY C 131 17.47 0.18 17.45
C GLY C 131 18.39 0.37 16.25
N VAL C 135 16.21 0.40 12.68
CA VAL C 135 14.81 0.74 12.94
C VAL C 135 14.71 1.68 14.13
N PRO C 136 14.17 2.89 13.92
CA PRO C 136 14.01 3.87 14.99
C PRO C 136 13.14 3.36 16.14
N PRO C 137 13.61 3.53 17.38
CA PRO C 137 12.86 3.08 18.55
C PRO C 137 11.43 3.54 18.45
N VAL C 138 10.56 2.65 17.98
CA VAL C 138 9.14 2.95 17.81
C VAL C 138 8.68 4.11 18.68
N ARG C 139 8.31 5.20 18.03
CA ARG C 139 7.81 6.36 18.74
C ARG C 139 6.40 6.54 18.27
N PHE C 140 5.58 7.20 19.07
CA PHE C 140 4.22 7.41 18.61
C PHE C 140 3.77 8.81 18.89
N ARG C 141 3.03 9.34 17.93
CA ARG C 141 2.47 10.65 18.03
C ARG C 141 1.12 10.36 18.67
N CYS C 142 0.68 11.20 19.59
CA CYS C 142 -0.60 10.98 20.21
C CYS C 142 -1.40 12.25 20.15
N GLY C 143 -2.56 12.16 19.54
CA GLY C 143 -3.42 13.31 19.44
C GLY C 143 -4.62 13.00 20.29
N ILE C 144 -4.89 13.85 21.25
CA ILE C 144 -6.04 13.65 22.08
C ILE C 144 -6.88 14.90 21.94
N HIS C 145 -8.13 14.72 21.53
CA HIS C 145 -9.02 15.85 21.40
C HIS C 145 -10.31 15.43 22.06
N GLN C 146 -11.03 16.42 22.55
CA GLN C 146 -12.30 16.16 23.18
C GLN C 146 -13.25 17.08 22.48
N GLY C 147 -14.41 16.55 22.13
CA GLY C 147 -15.35 17.39 21.44
C GLY C 147 -16.52 16.54 20.99
N MET C 148 -17.47 17.20 20.38
CA MET C 148 -18.64 16.50 19.90
C MET C 148 -18.31 15.62 18.72
N ALA C 149 -18.59 14.34 18.87
CA ALA C 149 -18.37 13.40 17.79
C ALA C 149 -19.61 12.54 17.81
N VAL C 150 -20.01 12.06 16.65
CA VAL C 150 -21.16 11.19 16.61
C VAL C 150 -20.57 9.82 16.90
N VAL C 151 -20.68 9.38 18.15
CA VAL C 151 -20.13 8.08 18.49
C VAL C 151 -21.26 7.08 18.54
N GLY C 152 -20.96 5.87 18.10
CA GLY C 152 -21.93 4.81 18.08
C GLY C 152 -21.48 3.86 17.00
N LEU C 153 -22.30 2.88 16.69
CA LEU C 153 -21.96 1.92 15.67
C LEU C 153 -22.14 2.55 14.30
N PHE C 154 -21.17 2.34 13.42
CA PHE C 154 -21.25 2.87 12.08
C PHE C 154 -21.02 1.77 11.08
N GLY C 155 -21.55 1.97 9.88
CA GLY C 155 -21.41 0.98 8.84
C GLY C 155 -22.74 0.30 8.56
N SER C 156 -22.69 -0.80 7.83
CA SER C 156 -23.89 -1.55 7.51
C SER C 156 -24.20 -2.52 8.64
N GLN C 157 -25.42 -3.05 8.65
CA GLN C 157 -25.76 -4.02 9.67
C GLN C 157 -24.91 -5.25 9.34
N GLU C 158 -24.45 -5.29 8.10
CA GLU C 158 -23.59 -6.38 7.60
C GLU C 158 -22.20 -6.22 8.21
N ARG C 159 -21.91 -5.02 8.71
CA ARG C 159 -20.62 -4.72 9.32
C ARG C 159 -20.60 -3.35 9.98
N SER C 160 -20.74 -3.35 11.30
CA SER C 160 -20.74 -2.12 12.07
C SER C 160 -19.58 -2.09 13.03
N ASP C 161 -19.01 -0.90 13.20
CA ASP C 161 -17.91 -0.71 14.14
C ASP C 161 -18.21 0.52 14.99
N PHE C 162 -18.11 0.35 16.30
CA PHE C 162 -18.35 1.48 17.18
C PHE C 162 -17.20 2.45 17.02
N THR C 163 -17.52 3.67 16.61
CA THR C 163 -16.50 4.68 16.43
C THR C 163 -17.09 6.05 16.61
N ALA C 164 -16.24 7.04 16.54
CA ALA C 164 -16.65 8.42 16.69
C ALA C 164 -16.46 9.05 15.33
N ILE C 165 -17.44 9.83 14.90
CA ILE C 165 -17.35 10.49 13.62
C ILE C 165 -17.50 11.97 13.82
N GLY C 166 -16.81 12.76 13.01
CA GLY C 166 -16.93 14.19 13.15
C GLY C 166 -15.59 14.87 13.28
N PRO C 167 -15.53 16.19 13.07
CA PRO C 167 -14.25 16.87 13.19
C PRO C 167 -13.52 16.54 14.47
N SER C 168 -14.26 16.35 15.55
CA SER C 168 -13.66 16.03 16.83
C SER C 168 -12.61 14.96 16.61
N VAL C 169 -13.02 13.89 15.94
CA VAL C 169 -12.11 12.80 15.66
C VAL C 169 -10.97 13.29 14.78
N ASN C 170 -11.31 13.94 13.67
CA ASN C 170 -10.31 14.48 12.76
C ASN C 170 -9.25 15.22 13.59
N ILE C 171 -9.71 16.14 14.45
CA ILE C 171 -8.83 16.91 15.29
C ILE C 171 -7.83 16.03 16.03
N ALA C 172 -8.36 15.06 16.76
CA ALA C 172 -7.52 14.15 17.51
C ALA C 172 -6.48 13.55 16.57
N ALA C 173 -6.96 13.07 15.42
CA ALA C 173 -6.08 12.45 14.43
C ALA C 173 -5.05 13.45 13.91
N ARG C 174 -5.50 14.65 13.55
CA ARG C 174 -4.59 15.65 13.05
C ARG C 174 -3.60 16.06 14.13
N LEU C 175 -4.08 16.13 15.37
CA LEU C 175 -3.23 16.47 16.49
C LEU C 175 -2.19 15.37 16.56
N GLN C 176 -2.68 14.12 16.52
CA GLN C 176 -1.80 12.97 16.57
C GLN C 176 -0.69 13.10 15.53
N GLU C 177 -1.06 13.34 14.28
CA GLU C 177 -0.07 13.46 13.22
C GLU C 177 0.67 14.80 13.25
N ALA C 178 0.07 15.79 13.89
CA ALA C 178 0.69 17.10 13.95
C ALA C 178 1.78 17.16 15.01
N THR C 179 1.56 16.43 16.11
CA THR C 179 2.51 16.42 17.20
C THR C 179 3.77 15.62 16.89
N ALA C 180 4.87 16.00 17.55
CA ALA C 180 6.15 15.34 17.38
C ALA C 180 6.08 13.94 17.98
N PRO C 181 7.01 13.06 17.59
CA PRO C 181 7.03 11.70 18.12
C PRO C 181 7.07 11.70 19.64
N ASN C 182 6.49 10.66 20.24
CA ASN C 182 6.44 10.53 21.68
C ASN C 182 6.05 11.84 22.32
N SER C 183 5.10 12.50 21.66
CA SER C 183 4.56 13.77 22.11
C SER C 183 3.06 13.61 22.04
N ILE C 184 2.37 13.96 23.13
CA ILE C 184 0.93 13.86 23.19
C ILE C 184 0.35 15.24 22.91
N MET C 185 -0.23 15.41 21.74
CA MET C 185 -0.80 16.70 21.42
C MET C 185 -2.29 16.65 21.62
N VAL C 186 -2.76 17.47 22.55
CA VAL C 186 -4.17 17.50 22.84
C VAL C 186 -4.71 18.83 22.36
N SER C 187 -6.01 18.85 22.17
CA SER C 187 -6.69 20.03 21.71
C SER C 187 -6.88 20.96 22.88
N ALA C 188 -7.29 22.18 22.58
CA ALA C 188 -7.56 23.15 23.61
C ALA C 188 -8.56 22.48 24.54
N MET C 189 -9.60 21.89 23.95
CA MET C 189 -10.64 21.19 24.69
C MET C 189 -10.05 20.25 25.73
N VAL C 190 -9.07 19.47 25.32
CA VAL C 190 -8.44 18.53 26.23
C VAL C 190 -7.52 19.21 27.23
N ALA C 191 -6.67 20.11 26.72
CA ALA C 191 -5.71 20.82 27.54
C ALA C 191 -6.29 21.43 28.80
N GLN C 192 -7.46 22.03 28.68
CA GLN C 192 -8.09 22.66 29.83
C GLN C 192 -8.19 21.73 31.03
N TYR C 193 -8.07 20.43 30.80
CA TYR C 193 -8.15 19.49 31.90
C TYR C 193 -6.79 19.14 32.43
N VAL C 194 -5.77 19.41 31.64
CA VAL C 194 -4.43 19.14 32.07
C VAL C 194 -3.84 20.41 32.61
N PRO C 195 -3.27 20.35 33.83
CA PRO C 195 -2.67 21.54 34.44
C PRO C 195 -1.69 22.18 33.48
N ASP C 196 -1.71 23.51 33.42
CA ASP C 196 -0.82 24.21 32.52
C ASP C 196 0.61 23.71 32.65
N GLU C 197 0.99 23.31 33.86
CA GLU C 197 2.33 22.80 34.12
C GLU C 197 2.67 21.60 33.23
N GLU C 198 1.64 20.84 32.88
CA GLU C 198 1.80 19.66 32.05
C GLU C 198 1.69 20.01 30.57
N ILE C 199 1.25 21.22 30.28
CA ILE C 199 1.11 21.60 28.88
C ILE C 199 2.43 22.18 28.42
N ILE C 200 3.25 21.31 27.83
CA ILE C 200 4.56 21.65 27.32
C ILE C 200 4.53 22.86 26.42
N LYS C 201 3.60 22.90 25.48
CA LYS C 201 3.50 24.05 24.62
C LYS C 201 2.21 24.11 23.85
N ARG C 202 1.50 25.22 24.02
CA ARG C 202 0.25 25.45 23.32
C ARG C 202 0.67 26.02 22.00
N GLU C 203 -0.27 26.06 21.06
CA GLU C 203 0.02 26.57 19.74
C GLU C 203 -1.07 26.15 18.78
N PHE C 204 -1.52 27.09 17.96
CA PHE C 204 -2.54 26.75 17.00
C PHE C 204 -1.80 26.11 15.86
N LEU C 205 -2.43 25.12 15.23
CA LEU C 205 -1.83 24.44 14.11
C LEU C 205 -2.85 24.30 13.00
N GLU C 206 -2.42 24.56 11.77
CA GLU C 206 -3.31 24.40 10.64
C GLU C 206 -3.50 22.89 10.52
N LEU C 207 -4.61 22.40 11.05
CA LEU C 207 -4.89 20.97 10.99
C LEU C 207 -5.72 20.65 9.78
N LYS C 208 -5.23 19.73 8.96
CA LYS C 208 -5.93 19.32 7.76
C LYS C 208 -7.39 19.05 8.08
N GLY C 209 -8.27 19.52 7.20
CA GLY C 209 -9.71 19.31 7.37
C GLY C 209 -10.36 20.23 8.39
N ILE C 210 -9.54 21.08 9.02
CA ILE C 210 -10.04 22.01 10.02
C ILE C 210 -9.96 23.44 9.50
N ASP C 211 -11.10 23.93 9.05
CA ASP C 211 -11.22 25.28 8.50
C ASP C 211 -10.88 26.36 9.51
N GLU C 212 -10.12 26.00 10.55
CA GLU C 212 -9.73 26.94 11.61
C GLU C 212 -8.52 26.45 12.37
N PRO C 213 -7.59 27.35 12.71
CA PRO C 213 -6.42 26.90 13.46
C PRO C 213 -6.84 26.28 14.79
N VAL C 214 -6.49 25.02 14.99
CA VAL C 214 -6.84 24.35 16.23
C VAL C 214 -5.79 24.60 17.29
N MET C 215 -6.24 24.98 18.48
CA MET C 215 -5.30 25.22 19.57
C MET C 215 -4.84 23.87 20.06
N THR C 216 -3.60 23.52 19.72
CA THR C 216 -3.03 22.25 20.14
C THR C 216 -2.16 22.51 21.34
N CYS C 217 -2.14 21.57 22.27
CA CYS C 217 -1.31 21.69 23.45
C CYS C 217 -0.61 20.38 23.68
N VAL C 218 0.63 20.26 23.22
CA VAL C 218 1.32 19.00 23.44
C VAL C 218 1.44 19.00 24.96
N ILE C 219 0.92 17.96 25.59
CA ILE C 219 0.99 17.90 27.03
C ILE C 219 2.16 17.06 27.46
N ASN C 220 2.57 17.25 28.70
CA ASN C 220 3.69 16.52 29.24
C ASN C 220 3.42 15.05 29.08
N PRO C 221 4.34 14.33 28.43
CA PRO C 221 4.19 12.90 28.21
C PRO C 221 4.38 12.08 29.47
N ASN C 222 4.68 12.76 30.57
CA ASN C 222 4.89 12.07 31.83
C ASN C 222 3.69 12.24 32.75
N MET C 223 3.63 13.39 33.40
CA MET C 223 2.54 13.71 34.31
C MET C 223 2.97 14.98 35.03
N LEU C 224 3.57 15.84 34.36
N1 TAT D . -11.91 6.21 12.98
C2 TAT D . -10.55 6.42 12.73
N3 TAT D . -9.98 7.51 12.22
C4 TAT D . -10.90 8.49 11.93
C5 TAT D . -12.31 8.45 12.12
C6 TAT D . -12.82 7.26 12.66
N6 TAT D . -14.12 7.08 12.90
N7 TAT D . -12.90 9.58 11.72
C8 TAT D . -11.85 10.33 11.30
N9 TAT D . -10.65 9.71 11.41
PA TAT D . -11.75 12.72 7.60
PB TAT D . -12.64 14.59 5.57
PG TAT D . -11.30 14.23 3.15
C1' TAT D . -9.30 10.21 11.09
O1A TAT D . -11.90 15.14 2.13
O1B TAT D . -13.47 15.87 5.65
S1G TAT D . -13.44 11.90 8.30
C2' TAT D . -8.71 9.47 9.89
O2' TAT D . -7.29 9.23 10.05
O2A TAT D . -11.15 11.85 6.48
O2B TAT D . -13.57 13.46 5.04
O2G TAT D . -9.84 14.04 2.85
C3' TAT D . -8.98 10.36 8.73
O3' TAT D . -8.14 10.13 7.61
O3A TAT D . -12.09 14.23 7.06
O3B TAT D . -11.42 14.87 4.60
O3G TAT D . -12.00 12.92 3.10
C4' TAT D . -8.73 11.72 9.36
O4' TAT D . -9.36 11.62 10.70
C5' TAT D . -9.34 12.84 8.58
O5' TAT D . -10.75 12.86 8.80
MG MG E . -10.42 9.60 6.09
MG MG F . -12.60 11.47 4.53
N1 TAT G . 21.32 -23.18 -17.47
C2 TAT G . 20.00 -23.55 -17.16
N3 TAT G . 19.06 -24.01 -17.99
C4 TAT G . 19.53 -24.08 -19.29
C5 TAT G . 20.82 -23.75 -19.77
C6 TAT G . 21.75 -23.27 -18.82
N6 TAT G . 22.98 -22.91 -19.13
N7 TAT G . 20.92 -23.94 -21.08
C8 TAT G . 19.71 -24.40 -21.43
N9 TAT G . 18.85 -24.50 -20.40
PA TAT G . 17.80 -22.60 -25.05
PB TAT G . 16.88 -21.95 -27.64
PG TAT G . 14.77 -20.19 -27.67
C1' TAT G . 17.44 -24.97 -20.42
O1A TAT G . 15.06 -19.84 -29.08
O1B TAT G . 16.96 -22.54 -29.06
S1G TAT G . 19.78 -22.26 -24.87
C2' TAT G . 16.50 -23.84 -20.01
O2' TAT G . 15.35 -24.33 -19.29
O2A TAT G . 17.02 -21.33 -24.70
O2B TAT G . 17.72 -20.67 -27.60
O2G TAT G . 13.28 -20.22 -27.47
C3' TAT G . 16.09 -23.19 -21.29
O3' TAT G . 14.88 -22.46 -21.20
O3A TAT G . 17.46 -23.02 -26.58
O3B TAT G . 15.38 -21.61 -27.29
O3G TAT G . 15.39 -19.16 -26.78
C4' TAT G . 15.96 -24.39 -22.22
O4' TAT G . 17.05 -25.32 -21.80
C5' TAT G . 16.06 -24.04 -23.69
O5' TAT G . 17.42 -23.78 -24.06
MG MG H . 17.09 -20.35 -23.04
MG MG I . 17.08 -19.07 -25.53
N1 TAT J . -6.03 0.20 8.81
C2 TAT J . -6.45 1.43 8.30
N3 TAT J . -5.69 2.36 7.73
C4 TAT J . -4.36 2.01 7.69
C5 TAT J . -3.77 0.82 8.17
C6 TAT J . -4.64 -0.12 8.74
N6 TAT J . -4.22 -1.29 9.22
N7 TAT J . -2.45 0.80 7.96
C8 TAT J . -2.22 1.97 7.35
N9 TAT J . -3.34 2.72 7.16
PA TAT J . 1.18 4.42 8.40
PB TAT J . 3.63 5.60 8.99
PG TAT J . 3.40 8.11 10.17
C1' TAT J . -3.47 4.05 6.51
O1A TAT J . 4.85 8.43 10.39
O1B TAT J . 5.11 5.44 8.61
S1G TAT J . 1.19 2.56 9.10
C2' TAT J . -3.87 5.14 7.50
O2' TAT J . -4.78 6.10 6.90
O2A TAT J . 0.66 5.38 9.47
O2B TAT J . 3.44 5.05 10.42
O2G TAT J . 2.65 9.39 9.92
C3' TAT J . -2.59 5.80 7.87
O3' TAT J . -2.75 7.14 8.33
O3A TAT J . 2.68 4.80 7.99
O3B TAT J . 3.23 7.14 8.91
O3G TAT J . 2.86 7.43 11.40
C4' TAT J . -1.80 5.73 6.55
O4' TAT J . -2.19 4.44 5.93
C5' TAT J . -0.31 5.80 6.73
O5' TAT J . 0.24 4.52 7.12
MG MG K . -1.74 5.35 11.14
MG MG L . 1.38 5.55 11.65
#